data_5ONY
#
_entry.id   5ONY
#
_cell.length_a   90.347
_cell.length_b   90.347
_cell.length_c   143.580
_cell.angle_alpha   90.00
_cell.angle_beta   90.00
_cell.angle_gamma   120.00
#
_symmetry.space_group_name_H-M   'H 3'
#
loop_
_entity.id
_entity.type
_entity.pdbx_description
1 polymer 'Copper-containing nitrite reductase'
2 non-polymer 'COPPER (II) ION'
3 non-polymer 'ZINC ION'
4 non-polymer '2-(N-MORPHOLINO)-ETHANESULFONIC ACID'
5 non-polymer 'TETRAETHYLENE GLYCOL'
6 water water
#
_entity_poly.entity_id   1
_entity_poly.type   'polypeptide(L)'
_entity_poly.pdbx_seq_one_letter_code
;DADKLPHTKVTLVAPPQVHPHEQATKSGPKVVEFTMTIEEKKMVIDDKGTTLQAMTFNGSMPGPTLVVHEGDYVQLTLVN
PATNAMPHNVDFHGATGALGGAKLTNVNPGEQATLRFKADRSGTFVYHCAPEGMVPWHVVSGMSGTLMVLPRDGLKDPQG
KPLHYDRAYTIGEFDLYIPKGPDGKYKDYATLAESYGDTVQVMRTLTPSHIVFNGKVGALTGANALTAKVGETVLLIHSQ
ANRDTRPHLIGGHGDWVWETGKFANPPQRDLETWFIRGGSAGAALYTFKQPGVYAYLNHNLIEAFELGAAGHIKVEGKWN
DDLMKQIKAPAPIPR
;
_entity_poly.pdbx_strand_id   A
#
loop_
_chem_comp.id
_chem_comp.type
_chem_comp.name
_chem_comp.formula
CU non-polymer 'COPPER (II) ION' 'Cu 2'
MES non-polymer '2-(N-MORPHOLINO)-ETHANESULFONIC ACID' 'C6 H13 N O4 S'
PG4 non-polymer 'TETRAETHYLENE GLYCOL' 'C8 H18 O5'
ZN non-polymer 'ZINC ION' 'Zn 2'
#
# COMPACT_ATOMS: atom_id res chain seq x y z
N ASP A 1 -28.50 -6.47 12.27
CA ASP A 1 -27.95 -5.91 13.56
C ASP A 1 -26.67 -6.61 14.06
N ALA A 2 -25.62 -5.81 14.20
CA ALA A 2 -24.23 -6.26 14.44
C ALA A 2 -23.89 -6.58 15.90
N ASP A 3 -24.75 -6.15 16.82
CA ASP A 3 -24.55 -6.43 18.23
C ASP A 3 -24.64 -7.93 18.52
N LYS A 4 -25.42 -8.67 17.72
CA LYS A 4 -25.60 -10.11 17.90
C LYS A 4 -24.73 -11.00 16.98
N LEU A 5 -23.72 -10.45 16.26
CA LEU A 5 -22.84 -11.29 15.42
C LEU A 5 -21.69 -11.94 16.19
N PRO A 6 -21.15 -13.07 15.68
CA PRO A 6 -19.85 -13.56 16.15
C PRO A 6 -18.75 -12.49 16.03
N HIS A 7 -17.85 -12.43 17.02
CA HIS A 7 -16.65 -11.60 16.95
C HIS A 7 -15.40 -12.47 16.70
N THR A 8 -14.44 -11.91 15.98
CA THR A 8 -13.16 -12.56 15.73
C THR A 8 -12.07 -11.52 15.90
N LYS A 9 -10.87 -11.99 16.24
CA LYS A 9 -9.71 -11.13 16.46
C LYS A 9 -8.63 -11.45 15.44
N VAL A 10 -8.17 -10.43 14.71
CA VAL A 10 -7.12 -10.61 13.72
C VAL A 10 -5.81 -10.02 14.23
N THR A 11 -4.73 -10.79 14.10
CA THR A 11 -3.41 -10.27 14.36
C THR A 11 -2.84 -9.72 13.03
N LEU A 12 -2.51 -8.44 13.00
CA LEU A 12 -1.93 -7.85 11.78
C LEU A 12 -0.46 -8.21 11.62
N VAL A 13 0.02 -8.19 10.37
CA VAL A 13 1.41 -8.40 10.03
C VAL A 13 1.95 -7.19 9.26
N ALA A 14 3.26 -7.02 9.36
CA ALA A 14 4.01 -5.94 8.69
C ALA A 14 3.98 -6.11 7.15
N PRO A 15 3.72 -4.99 6.45
CA PRO A 15 3.98 -5.01 5.00
C PRO A 15 5.42 -5.43 4.67
N PRO A 16 5.70 -6.07 3.54
CA PRO A 16 4.78 -6.28 2.40
C PRO A 16 3.88 -7.52 2.52
N GLN A 17 3.99 -8.28 3.62
CA GLN A 17 3.03 -9.37 3.87
C GLN A 17 1.66 -8.86 4.23
N VAL A 18 0.68 -9.75 4.08
CA VAL A 18 -0.69 -9.54 4.40
C VAL A 18 -1.08 -10.70 5.32
N HIS A 19 -1.81 -10.40 6.36
CA HIS A 19 -2.20 -11.40 7.40
C HIS A 19 -2.95 -12.54 6.75
N PRO A 20 -2.86 -13.75 7.37
CA PRO A 20 -3.63 -14.89 6.91
C PRO A 20 -5.09 -14.64 6.75
N HIS A 21 -5.69 -15.08 5.64
CA HIS A 21 -7.11 -14.90 5.44
C HIS A 21 -7.59 -15.87 4.40
N GLU A 22 -8.90 -16.12 4.39
CA GLU A 22 -9.55 -16.84 3.32
C GLU A 22 -10.01 -15.91 2.18
N GLN A 23 -10.05 -16.44 0.96
CA GLN A 23 -10.69 -15.76 -0.17
C GLN A 23 -12.15 -16.16 -0.16
N ALA A 24 -12.64 -17.06 -1.01
CA ALA A 24 -14.03 -17.50 -0.83
C ALA A 24 -14.22 -18.15 0.54
N THR A 25 -15.37 -17.90 1.17
CA THR A 25 -15.59 -18.37 2.54
C THR A 25 -17.00 -18.92 2.65
N LYS A 26 -17.14 -20.02 3.40
CA LYS A 26 -18.48 -20.47 3.81
C LYS A 26 -19.02 -19.71 5.04
N SER A 27 -18.18 -18.89 5.68
CA SER A 27 -18.54 -18.09 6.85
C SER A 27 -19.61 -17.06 6.55
N GLY A 28 -20.51 -16.81 7.51
CA GLY A 28 -21.41 -15.65 7.49
C GLY A 28 -20.67 -14.45 8.06
N PRO A 29 -21.34 -13.29 8.10
CA PRO A 29 -20.73 -12.07 8.60
C PRO A 29 -20.24 -12.18 10.03
N LYS A 30 -19.19 -11.41 10.36
CA LYS A 30 -18.71 -11.26 11.72
C LYS A 30 -18.28 -9.82 11.95
N VAL A 31 -18.17 -9.47 13.21
CA VAL A 31 -17.41 -8.30 13.66
C VAL A 31 -15.93 -8.72 13.75
N VAL A 32 -15.08 -8.17 12.86
CA VAL A 32 -13.67 -8.51 12.89
C VAL A 32 -12.98 -7.38 13.64
N GLU A 33 -12.25 -7.75 14.70
CA GLU A 33 -11.55 -6.80 15.60
C GLU A 33 -10.07 -6.69 15.31
N PHE A 34 -9.61 -5.42 15.21
CA PHE A 34 -8.24 -5.07 14.94
C PHE A 34 -7.83 -4.00 15.93
N THR A 35 -6.52 -3.91 16.17
CA THR A 35 -5.95 -2.79 16.91
C THR A 35 -4.75 -2.25 16.19
N MET A 36 -4.64 -0.92 16.14
CA MET A 36 -3.42 -0.31 15.62
C MET A 36 -2.95 0.77 16.59
N THR A 37 -1.66 0.87 16.73
CA THR A 37 -1.01 1.87 17.56
C THR A 37 -0.15 2.82 16.69
N ILE A 38 -0.47 4.10 16.80
CA ILE A 38 0.24 5.14 16.07
C ILE A 38 1.67 5.25 16.63
N GLU A 39 2.63 5.38 15.73
CA GLU A 39 4.00 5.71 16.12
C GLU A 39 4.57 6.84 15.25
N GLU A 40 4.95 7.93 15.89
CA GLU A 40 5.75 8.96 15.22
C GLU A 40 7.20 8.58 15.38
N LYS A 41 7.99 8.69 14.31
CA LYS A 41 9.40 8.46 14.40
C LYS A 41 10.15 9.01 13.22
N LYS A 42 11.43 9.27 13.45
CA LYS A 42 12.32 9.63 12.39
C LYS A 42 12.82 8.42 11.65
N MET A 43 12.79 8.49 10.32
CA MET A 43 13.13 7.37 9.47
C MET A 43 14.17 7.78 8.42
N VAL A 44 15.09 6.87 8.12
CA VAL A 44 16.08 7.08 7.03
C VAL A 44 15.40 6.53 5.79
N ILE A 45 15.28 7.36 4.77
CA ILE A 45 14.46 7.03 3.55
C ILE A 45 15.23 6.88 2.28
N ASP A 46 16.55 7.08 2.29
CA ASP A 46 17.37 6.87 1.14
C ASP A 46 18.80 6.33 1.52
N ASP A 47 19.62 6.08 0.52
CA ASP A 47 20.90 5.42 0.72
C ASP A 47 21.92 6.41 1.22
N LYS A 48 21.65 7.72 1.10
CA LYS A 48 22.61 8.76 1.52
C LYS A 48 22.33 9.33 2.88
N GLY A 49 21.36 8.76 3.60
CA GLY A 49 21.11 9.08 5.01
C GLY A 49 20.05 10.11 5.29
N THR A 50 19.34 10.53 4.26
CA THR A 50 18.29 11.52 4.43
C THR A 50 17.25 10.99 5.39
N THR A 51 16.80 11.85 6.31
CA THR A 51 15.73 11.50 7.19
C THR A 51 14.40 12.16 6.89
N LEU A 52 13.37 11.45 7.29
CA LEU A 52 12.01 11.93 7.31
C LEU A 52 11.49 11.92 8.71
N GLN A 53 10.88 13.03 9.11
CA GLN A 53 10.08 13.06 10.35
C GLN A 53 8.70 12.47 10.02
N ALA A 54 8.60 11.20 10.34
CA ALA A 54 7.53 10.39 9.89
C ALA A 54 6.44 10.13 10.92
N MET A 55 5.31 9.70 10.39
CA MET A 55 4.15 9.36 11.17
C MET A 55 3.57 8.06 10.64
N THR A 56 3.33 7.05 11.49
CA THR A 56 2.92 5.71 11.00
C THR A 56 1.78 5.11 11.78
N PHE A 57 1.03 4.24 11.10
CA PHE A 57 0.17 3.27 11.77
C PHE A 57 0.99 2.01 12.00
N ASN A 58 1.10 1.59 13.27
CA ASN A 58 1.84 0.37 13.62
C ASN A 58 3.36 0.28 13.34
N GLY A 59 4.00 1.41 13.16
CA GLY A 59 5.43 1.48 12.97
C GLY A 59 5.95 1.30 11.56
N SER A 60 5.05 1.09 10.58
CA SER A 60 5.47 0.87 9.17
C SER A 60 4.82 1.91 8.21
N MET A 61 5.50 2.15 7.09
CA MET A 61 4.88 2.79 5.89
C MET A 61 4.86 1.69 4.79
N PRO A 62 3.70 1.34 4.22
CA PRO A 62 2.38 1.78 4.71
C PRO A 62 2.02 1.12 6.06
N GLY A 63 0.87 1.53 6.63
CA GLY A 63 0.26 0.74 7.72
C GLY A 63 0.00 -0.69 7.22
N PRO A 64 -0.34 -1.60 8.11
CA PRO A 64 -0.66 -2.96 7.74
C PRO A 64 -1.93 -3.05 6.89
N THR A 65 -2.06 -4.06 6.03
CA THR A 65 -3.31 -4.27 5.38
C THR A 65 -4.32 -5.04 6.27
N LEU A 66 -5.52 -4.51 6.42
CA LEU A 66 -6.65 -5.19 7.10
C LEU A 66 -7.51 -5.92 6.07
N VAL A 67 -7.79 -7.22 6.29
CA VAL A 67 -8.60 -8.01 5.37
C VAL A 67 -9.86 -8.53 6.03
N VAL A 68 -11.01 -8.20 5.45
CA VAL A 68 -12.28 -8.76 5.86
C VAL A 68 -13.04 -9.22 4.60
N HIS A 69 -14.27 -9.68 4.79
CA HIS A 69 -15.21 -9.93 3.70
C HIS A 69 -16.41 -8.99 3.71
N GLU A 70 -16.95 -8.79 2.50
CA GLU A 70 -18.11 -8.05 2.25
C GLU A 70 -19.22 -8.53 3.22
N GLY A 71 -19.90 -7.59 3.88
CA GLY A 71 -20.94 -7.90 4.95
C GLY A 71 -20.39 -7.95 6.38
N ASP A 72 -19.08 -8.16 6.56
CA ASP A 72 -18.44 -8.06 7.89
C ASP A 72 -18.50 -6.66 8.41
N TYR A 73 -18.18 -6.52 9.70
CA TYR A 73 -17.99 -5.25 10.33
C TYR A 73 -16.54 -5.16 10.74
N VAL A 74 -15.95 -4.02 10.43
CA VAL A 74 -14.65 -3.71 10.94
C VAL A 74 -14.81 -2.96 12.25
N GLN A 75 -14.10 -3.45 13.27
CA GLN A 75 -14.06 -2.83 14.57
C GLN A 75 -12.62 -2.56 15.00
N LEU A 76 -12.20 -1.31 14.79
CA LEU A 76 -10.78 -0.96 15.01
C LEU A 76 -10.60 -0.18 16.32
N THR A 77 -9.66 -0.61 17.14
CA THR A 77 -9.18 0.20 18.28
C THR A 77 -7.94 0.90 17.81
N LEU A 78 -8.05 2.23 17.75
CA LEU A 78 -6.94 3.10 17.41
C LEU A 78 -6.34 3.69 18.70
N VAL A 79 -5.05 3.41 18.91
CA VAL A 79 -4.27 3.80 20.09
C VAL A 79 -3.24 4.88 19.73
N ASN A 80 -3.28 6.02 20.42
CA ASN A 80 -2.29 7.05 20.26
C ASN A 80 -1.47 7.20 21.55
N PRO A 81 -0.32 6.50 21.66
CA PRO A 81 0.44 6.59 22.94
C PRO A 81 0.92 7.96 23.31
N ALA A 82 1.11 8.16 24.62
CA ALA A 82 1.60 9.41 25.17
C ALA A 82 2.99 9.85 24.75
N THR A 83 3.79 8.94 24.18
CA THR A 83 5.12 9.21 23.62
C THR A 83 5.07 9.97 22.30
N ASN A 84 3.88 10.00 21.70
CA ASN A 84 3.64 10.80 20.47
C ASN A 84 3.34 12.26 20.80
N ALA A 85 3.66 13.15 19.87
CA ALA A 85 3.38 14.57 20.03
C ALA A 85 2.03 15.05 19.56
N MET A 86 1.49 14.44 18.50
CA MET A 86 0.37 14.98 17.72
C MET A 86 -0.91 14.19 17.96
N PRO A 87 -2.06 14.82 17.77
CA PRO A 87 -3.30 14.07 17.71
C PRO A 87 -3.40 13.38 16.36
N HIS A 88 -4.23 12.34 16.29
CA HIS A 88 -4.44 11.54 15.07
C HIS A 88 -5.86 11.02 15.03
N ASN A 89 -6.24 10.40 13.91
CA ASN A 89 -7.52 9.78 13.74
C ASN A 89 -7.39 8.84 12.52
N VAL A 90 -8.53 8.36 12.02
CA VAL A 90 -8.53 7.48 10.83
C VAL A 90 -9.78 7.64 9.99
N ASP A 91 -9.54 7.75 8.68
CA ASP A 91 -10.57 7.90 7.65
C ASP A 91 -10.43 6.65 6.80
N PHE A 92 -11.42 5.78 6.91
CA PHE A 92 -11.49 4.61 6.08
C PHE A 92 -12.31 4.91 4.85
N HIS A 93 -11.67 4.87 3.68
CA HIS A 93 -12.45 4.99 2.46
C HIS A 93 -13.48 3.88 2.28
N GLY A 94 -13.32 2.74 2.96
CA GLY A 94 -14.24 1.63 2.79
C GLY A 94 -15.52 1.87 3.59
N ALA A 95 -15.54 2.92 4.44
CA ALA A 95 -16.66 3.16 5.37
C ALA A 95 -17.60 4.25 4.92
N THR A 96 -18.85 4.22 5.45
CA THR A 96 -19.84 5.26 5.17
C THR A 96 -20.19 6.12 6.40
N GLY A 97 -20.05 7.43 6.23
CA GLY A 97 -20.35 8.40 7.33
C GLY A 97 -19.14 9.01 8.05
N ALA A 98 -19.38 10.18 8.65
CA ALA A 98 -18.47 10.80 9.65
C ALA A 98 -17.03 10.95 9.11
N LEU A 99 -16.94 11.42 7.86
CA LEU A 99 -15.62 11.62 7.19
C LEU A 99 -14.77 10.36 7.29
N GLY A 100 -15.42 9.22 7.01
CA GLY A 100 -14.78 7.93 7.00
C GLY A 100 -14.48 7.36 8.37
N GLY A 101 -15.01 7.99 9.42
CA GLY A 101 -14.69 7.62 10.81
C GLY A 101 -13.77 8.61 11.48
N ALA A 102 -13.20 9.56 10.71
CA ALA A 102 -12.25 10.53 11.28
C ALA A 102 -12.90 11.33 12.43
N LYS A 103 -14.14 11.76 12.23
CA LYS A 103 -14.87 12.52 13.26
C LYS A 103 -15.06 11.77 14.56
N LEU A 104 -14.98 10.45 14.55
CA LEU A 104 -15.27 9.62 15.74
C LEU A 104 -14.04 8.96 16.36
N THR A 105 -12.85 9.28 15.82
CA THR A 105 -11.62 8.68 16.23
C THR A 105 -10.51 9.68 16.55
N ASN A 106 -10.87 10.92 16.87
CA ASN A 106 -9.89 11.93 17.21
C ASN A 106 -9.26 11.57 18.55
N VAL A 107 -7.99 11.16 18.51
CA VAL A 107 -7.26 10.71 19.70
C VAL A 107 -6.02 11.58 19.93
N ASN A 108 -5.88 12.17 21.14
CA ASN A 108 -4.69 12.94 21.51
C ASN A 108 -3.69 11.97 22.12
N PRO A 109 -2.41 12.35 22.24
CA PRO A 109 -1.50 11.41 22.83
C PRO A 109 -1.99 11.00 24.27
N GLY A 110 -1.86 9.71 24.57
CA GLY A 110 -2.44 9.08 25.76
C GLY A 110 -3.89 8.65 25.62
N GLU A 111 -4.50 8.75 24.43
CA GLU A 111 -5.88 8.34 24.23
C GLU A 111 -6.05 7.19 23.24
N GLN A 112 -7.23 6.58 23.31
CA GLN A 112 -7.65 5.62 22.30
C GLN A 112 -9.11 5.66 22.04
N ALA A 113 -9.52 4.97 20.97
CA ALA A 113 -10.92 4.90 20.63
C ALA A 113 -11.17 3.65 19.83
N THR A 114 -12.44 3.30 19.70
CA THR A 114 -12.88 2.13 18.96
C THR A 114 -14.03 2.51 18.05
N LEU A 115 -13.85 2.23 16.74
CA LEU A 115 -14.79 2.55 15.72
C LEU A 115 -15.27 1.25 15.13
N ARG A 116 -16.56 1.19 14.81
CA ARG A 116 -17.11 0.10 14.03
C ARG A 116 -17.83 0.68 12.81
N PHE A 117 -17.63 0.02 11.68
CA PHE A 117 -18.36 0.28 10.46
C PHE A 117 -18.56 -1.00 9.67
N LYS A 118 -19.58 -0.98 8.83
CA LYS A 118 -19.96 -2.10 8.01
C LYS A 118 -19.12 -2.05 6.73
N ALA A 119 -18.42 -3.14 6.42
CA ALA A 119 -17.66 -3.23 5.18
C ALA A 119 -18.60 -3.78 4.09
N ASP A 120 -19.54 -2.95 3.62
CA ASP A 120 -20.56 -3.34 2.67
C ASP A 120 -20.24 -3.29 1.18
N ARG A 121 -19.00 -2.86 0.87
CA ARG A 121 -18.49 -2.76 -0.53
C ARG A 121 -17.15 -3.51 -0.70
N SER A 122 -17.04 -4.33 -1.75
CA SER A 122 -15.86 -5.13 -2.00
C SER A 122 -14.80 -4.23 -2.70
N GLY A 123 -13.54 -4.52 -2.42
CA GLY A 123 -12.40 -3.80 -3.05
C GLY A 123 -11.29 -3.54 -2.12
N THR A 124 -10.25 -2.90 -2.64
CA THR A 124 -9.10 -2.47 -1.81
C THR A 124 -9.40 -0.99 -1.60
N PHE A 125 -9.29 -0.50 -0.36
CA PHE A 125 -9.68 0.93 0.00
C PHE A 125 -8.57 1.52 0.85
N VAL A 126 -8.17 2.77 0.54
CA VAL A 126 -7.21 3.42 1.41
C VAL A 126 -7.88 3.74 2.72
N TYR A 127 -7.09 3.66 3.78
CA TYR A 127 -7.34 4.34 5.02
C TYR A 127 -6.23 5.34 5.27
N HIS A 128 -6.51 6.47 5.92
CA HIS A 128 -5.43 7.36 6.27
C HIS A 128 -5.83 8.26 7.40
N CYS A 129 -4.85 8.91 8.01
CA CYS A 129 -5.08 9.88 9.08
C CYS A 129 -5.57 11.19 8.44
N ALA A 130 -6.41 11.94 9.14
CA ALA A 130 -7.01 13.10 8.61
C ALA A 130 -7.37 14.11 9.72
N PRO A 131 -6.35 14.55 10.51
CA PRO A 131 -6.67 15.52 11.56
C PRO A 131 -7.03 16.89 10.97
N GLU A 132 -8.05 17.55 11.52
CA GLU A 132 -8.48 18.87 11.03
C GLU A 132 -7.32 19.87 10.97
N GLY A 133 -7.19 20.50 9.82
CA GLY A 133 -6.16 21.49 9.53
C GLY A 133 -4.77 20.95 9.24
N MET A 134 -4.56 19.62 9.35
CA MET A 134 -3.22 19.02 9.12
C MET A 134 -3.27 17.85 8.11
N VAL A 135 -4.33 17.72 7.35
CA VAL A 135 -4.55 16.42 6.65
C VAL A 135 -3.38 16.04 5.72
N PRO A 136 -3.03 16.87 4.74
CA PRO A 136 -1.91 16.48 3.82
C PRO A 136 -0.61 16.14 4.46
N TRP A 137 -0.19 16.91 5.47
CA TRP A 137 1.03 16.62 6.19
C TRP A 137 1.06 15.26 6.82
N HIS A 138 -0.01 14.85 7.52
CA HIS A 138 -0.03 13.52 8.14
C HIS A 138 0.04 12.37 7.11
N VAL A 139 -0.67 12.60 6.02
CA VAL A 139 -0.74 11.60 4.92
C VAL A 139 0.63 11.46 4.27
N VAL A 140 1.21 12.55 3.84
CA VAL A 140 2.53 12.45 3.15
C VAL A 140 3.66 12.00 4.06
N SER A 141 3.51 12.23 5.38
CA SER A 141 4.46 11.79 6.39
C SER A 141 4.38 10.26 6.70
N GLY A 142 3.37 9.55 6.17
CA GLY A 142 3.32 8.12 6.25
C GLY A 142 2.05 7.44 6.72
N MET A 143 1.04 8.20 7.07
CA MET A 143 -0.12 7.65 7.76
C MET A 143 -1.21 7.19 6.76
N SER A 144 -0.93 6.10 6.09
CA SER A 144 -1.90 5.45 5.20
C SER A 144 -1.61 3.98 5.05
N GLY A 145 -2.62 3.29 4.54
CA GLY A 145 -2.58 1.83 4.36
C GLY A 145 -3.83 1.39 3.65
N THR A 146 -4.02 0.05 3.52
CA THR A 146 -5.14 -0.53 2.77
C THR A 146 -6.08 -1.43 3.63
N LEU A 147 -7.40 -1.25 3.45
CA LEU A 147 -8.44 -2.20 3.88
C LEU A 147 -8.84 -2.96 2.65
N MET A 148 -8.72 -4.30 2.68
CA MET A 148 -9.18 -5.10 1.55
C MET A 148 -10.44 -5.80 2.00
N VAL A 149 -11.53 -5.58 1.25
CA VAL A 149 -12.82 -6.18 1.53
C VAL A 149 -13.05 -7.16 0.39
N LEU A 150 -12.94 -8.47 0.68
CA LEU A 150 -13.07 -9.50 -0.39
C LEU A 150 -14.55 -9.87 -0.57
N PRO A 151 -14.97 -10.17 -1.83
CA PRO A 151 -16.31 -10.74 -1.95
C PRO A 151 -16.38 -12.06 -1.17
N ARG A 152 -17.53 -12.33 -0.57
CA ARG A 152 -17.71 -13.57 0.23
C ARG A 152 -17.42 -14.83 -0.65
N ASP A 153 -17.79 -14.83 -1.93
CA ASP A 153 -17.44 -15.91 -2.85
C ASP A 153 -16.06 -15.76 -3.59
N GLY A 154 -15.20 -14.86 -3.08
CA GLY A 154 -13.88 -14.62 -3.70
C GLY A 154 -13.94 -13.79 -4.97
N LEU A 155 -12.78 -13.61 -5.58
CA LEU A 155 -12.68 -12.79 -6.81
C LEU A 155 -13.24 -13.48 -8.05
N LYS A 156 -13.77 -12.67 -8.95
CA LYS A 156 -14.37 -13.09 -10.20
C LYS A 156 -13.83 -12.36 -11.40
N ASP A 157 -13.70 -13.10 -12.50
CA ASP A 157 -13.39 -12.51 -13.83
C ASP A 157 -14.61 -11.90 -14.53
N PRO A 158 -14.44 -11.29 -15.76
CA PRO A 158 -15.59 -10.54 -16.31
C PRO A 158 -16.81 -11.42 -16.65
N GLN A 159 -16.56 -12.70 -16.81
CA GLN A 159 -17.61 -13.70 -17.08
C GLN A 159 -18.07 -14.39 -15.80
N GLY A 160 -17.59 -13.94 -14.66
CA GLY A 160 -18.00 -14.49 -13.41
C GLY A 160 -17.26 -15.76 -13.07
N LYS A 161 -16.23 -16.10 -13.78
CA LYS A 161 -15.43 -17.30 -13.46
C LYS A 161 -14.52 -17.03 -12.26
N PRO A 162 -14.24 -18.05 -11.46
CA PRO A 162 -13.42 -17.77 -10.24
C PRO A 162 -11.97 -17.36 -10.56
N LEU A 163 -11.48 -16.37 -9.80
CA LEU A 163 -10.06 -16.04 -9.75
C LEU A 163 -9.50 -16.22 -8.34
N HIS A 164 -8.20 -16.45 -8.25
CA HIS A 164 -7.57 -16.53 -6.95
C HIS A 164 -6.16 -16.05 -6.99
N TYR A 165 -5.64 -15.84 -5.78
CA TYR A 165 -4.22 -15.68 -5.61
C TYR A 165 -3.72 -16.70 -4.56
N ASP A 166 -2.47 -17.06 -4.75
CA ASP A 166 -1.71 -17.94 -3.85
C ASP A 166 -0.89 -17.22 -2.84
N ARG A 167 -0.48 -15.98 -3.13
CA ARG A 167 0.16 -15.16 -2.09
C ARG A 167 -0.19 -13.69 -2.43
N ALA A 168 -0.20 -12.87 -1.39
CA ALA A 168 -0.55 -11.45 -1.49
C ALA A 168 0.51 -10.56 -0.94
N TYR A 169 0.81 -9.46 -1.65
CA TYR A 169 1.82 -8.54 -1.15
C TYR A 169 1.17 -7.18 -1.19
N THR A 170 1.52 -6.35 -0.22
CA THR A 170 0.97 -4.98 -0.16
C THR A 170 2.12 -3.96 -0.35
N ILE A 171 1.93 -3.07 -1.34
CA ILE A 171 2.91 -2.02 -1.67
C ILE A 171 2.23 -0.66 -1.43
N GLY A 172 2.80 0.14 -0.53
CA GLY A 172 2.37 1.57 -0.39
C GLY A 172 3.40 2.45 -1.00
N GLU A 173 2.98 3.43 -1.84
CA GLU A 173 3.89 4.34 -2.52
C GLU A 173 3.66 5.74 -1.95
N PHE A 174 4.77 6.33 -1.48
CA PHE A 174 4.78 7.58 -0.74
C PHE A 174 5.62 8.61 -1.42
N ASP A 175 4.89 9.66 -1.86
CA ASP A 175 5.53 10.87 -2.36
C ASP A 175 5.96 11.70 -1.14
N LEU A 176 7.27 11.98 -1.09
CA LEU A 176 7.81 12.66 0.10
C LEU A 176 8.28 14.03 -0.31
N TYR A 177 8.32 14.97 0.66
CA TYR A 177 8.59 16.35 0.40
C TYR A 177 9.60 16.90 1.42
N ILE A 178 10.85 16.49 1.24
CA ILE A 178 11.90 16.75 2.27
C ILE A 178 12.53 18.07 1.95
N PRO A 179 12.52 19.00 2.96
CA PRO A 179 13.13 20.30 2.64
C PRO A 179 14.66 20.27 2.62
N LYS A 180 15.16 21.33 1.98
CA LYS A 180 16.58 21.56 1.82
C LYS A 180 16.97 22.94 2.43
N GLY A 181 18.16 23.01 3.00
CA GLY A 181 18.69 24.31 3.47
C GLY A 181 19.48 25.04 2.39
N PRO A 182 20.00 26.25 2.71
CA PRO A 182 20.72 27.06 1.71
C PRO A 182 21.95 26.41 1.06
N ASP A 183 22.53 25.38 1.69
CA ASP A 183 23.61 24.60 1.08
C ASP A 183 23.17 23.50 0.08
N GLY A 184 21.87 23.36 -0.16
CA GLY A 184 21.32 22.33 -1.06
C GLY A 184 21.24 20.92 -0.48
N LYS A 185 21.59 20.74 0.77
CA LYS A 185 21.48 19.43 1.45
C LYS A 185 20.12 19.31 2.18
N TYR A 186 19.62 18.09 2.28
CA TYR A 186 18.32 17.87 3.00
C TYR A 186 18.44 18.21 4.48
N LYS A 187 17.40 18.80 5.03
CA LYS A 187 17.38 19.18 6.44
C LYS A 187 17.09 17.95 7.30
N ASP A 188 17.72 17.93 8.49
CA ASP A 188 17.50 16.96 9.51
C ASP A 188 16.85 17.72 10.69
N TYR A 189 15.68 17.26 11.12
CA TYR A 189 14.89 17.93 12.17
C TYR A 189 14.90 17.14 13.48
N ALA A 190 15.06 17.88 14.58
CA ALA A 190 15.20 17.17 15.85
C ALA A 190 13.86 16.68 16.35
N THR A 191 12.77 17.39 16.00
CA THR A 191 11.44 16.93 16.35
C THR A 191 10.54 16.97 15.09
N LEU A 192 9.41 16.27 15.21
CA LEU A 192 8.37 16.29 14.17
C LEU A 192 7.81 17.67 13.95
N ALA A 193 7.44 18.40 15.04
CA ALA A 193 6.85 19.73 14.88
C ALA A 193 7.70 20.75 14.19
N GLU A 194 9.03 20.66 14.37
CA GLU A 194 9.96 21.56 13.65
C GLU A 194 10.18 21.32 12.15
N SER A 195 9.78 20.12 11.65
CA SER A 195 9.79 19.87 10.19
C SER A 195 8.58 20.49 9.43
N TYR A 196 7.55 20.89 10.13
CA TYR A 196 6.28 21.21 9.48
C TYR A 196 6.29 22.34 8.53
N GLY A 197 6.68 23.54 8.96
CA GLY A 197 6.65 24.66 8.04
C GLY A 197 7.44 24.56 6.75
N ASP A 198 8.64 24.09 6.85
CA ASP A 198 9.54 23.93 5.73
C ASP A 198 8.90 22.86 4.78
N THR A 199 8.31 21.84 5.39
CA THR A 199 7.70 20.73 4.55
C THR A 199 6.50 21.22 3.75
N VAL A 200 5.67 22.01 4.39
CA VAL A 200 4.50 22.58 3.74
C VAL A 200 4.92 23.40 2.53
N GLN A 201 6.02 24.14 2.66
CA GLN A 201 6.54 24.92 1.53
C GLN A 201 6.94 23.99 0.33
N VAL A 202 7.55 22.84 0.64
CA VAL A 202 7.95 21.92 -0.42
C VAL A 202 6.66 21.31 -1.01
N MET A 203 5.73 20.91 -0.15
CA MET A 203 4.46 20.30 -0.65
C MET A 203 3.78 21.17 -1.69
N ARG A 204 3.74 22.47 -1.41
CA ARG A 204 2.98 23.35 -2.27
C ARG A 204 3.63 23.47 -3.67
N THR A 205 4.90 23.05 -3.82
CA THR A 205 5.55 22.95 -5.13
C THR A 205 5.00 21.82 -6.01
N LEU A 206 4.31 20.89 -5.37
CA LEU A 206 3.88 19.63 -5.97
C LEU A 206 4.99 18.72 -6.52
N THR A 207 6.25 18.98 -6.19
CA THR A 207 7.38 18.19 -6.66
C THR A 207 7.95 17.39 -5.51
N PRO A 208 7.70 16.10 -5.48
CA PRO A 208 8.36 15.29 -4.40
C PRO A 208 9.87 15.22 -4.54
N SER A 209 10.55 15.21 -3.38
CA SER A 209 11.98 14.95 -3.33
C SER A 209 12.37 13.51 -3.57
N HIS A 210 11.47 12.63 -3.16
CA HIS A 210 11.61 11.17 -3.17
C HIS A 210 10.24 10.60 -3.35
N ILE A 211 10.17 9.47 -4.07
CA ILE A 211 8.95 8.73 -4.15
C ILE A 211 9.30 7.26 -3.89
N VAL A 212 8.83 6.73 -2.78
CA VAL A 212 9.39 5.43 -2.30
C VAL A 212 8.28 4.41 -2.10
N PHE A 213 8.62 3.15 -2.32
CA PHE A 213 7.79 2.08 -1.88
C PHE A 213 8.13 1.69 -0.45
N ASN A 214 7.11 1.53 0.36
CA ASN A 214 7.25 0.94 1.72
C ASN A 214 8.29 1.65 2.58
N GLY A 215 8.39 2.98 2.43
CA GLY A 215 9.14 3.77 3.40
C GLY A 215 10.54 4.13 3.08
N LYS A 216 11.09 3.58 2.02
CA LYS A 216 12.52 3.84 1.75
C LYS A 216 12.94 3.47 0.32
N VAL A 217 13.93 4.18 -0.23
CA VAL A 217 14.50 3.75 -1.50
C VAL A 217 15.06 2.31 -1.30
N GLY A 218 14.71 1.40 -2.18
CA GLY A 218 15.27 0.05 -2.03
C GLY A 218 14.62 -0.84 -1.00
N ALA A 219 13.56 -0.38 -0.29
CA ALA A 219 12.81 -1.22 0.62
C ALA A 219 12.47 -2.59 0.09
N LEU A 220 12.12 -2.73 -1.19
CA LEU A 220 11.71 -4.06 -1.71
C LEU A 220 12.70 -4.63 -2.69
N THR A 221 13.99 -4.50 -2.35
CA THR A 221 15.07 -4.99 -3.21
C THR A 221 16.06 -5.78 -2.35
N GLY A 222 17.03 -6.45 -2.98
CA GLY A 222 18.01 -7.29 -2.28
C GLY A 222 17.40 -8.35 -1.38
N ALA A 223 17.82 -8.34 -0.13
CA ALA A 223 17.36 -9.36 0.81
C ALA A 223 15.87 -9.13 1.08
N ASN A 224 15.33 -7.93 0.80
CA ASN A 224 13.90 -7.69 0.96
C ASN A 224 13.04 -7.73 -0.32
N ALA A 225 13.58 -8.24 -1.41
CA ALA A 225 12.73 -8.53 -2.59
C ALA A 225 11.54 -9.38 -2.25
N LEU A 226 10.45 -9.19 -3.01
CA LEU A 226 9.28 -10.08 -2.94
C LEU A 226 9.69 -11.34 -3.65
N THR A 227 9.01 -12.42 -3.34
CA THR A 227 9.37 -13.75 -3.93
C THR A 227 8.16 -14.46 -4.41
N ALA A 228 8.39 -15.27 -5.44
CA ALA A 228 7.38 -16.15 -5.97
C ALA A 228 8.05 -17.31 -6.71
N LYS A 229 7.23 -18.19 -7.26
CA LYS A 229 7.72 -19.24 -8.16
C LYS A 229 6.80 -19.38 -9.33
N VAL A 230 7.36 -19.73 -10.49
CA VAL A 230 6.58 -20.09 -11.69
C VAL A 230 5.38 -20.92 -11.26
N GLY A 231 4.22 -20.62 -11.87
CA GLY A 231 2.94 -21.21 -11.57
C GLY A 231 2.17 -20.70 -10.37
N GLU A 232 2.76 -19.78 -9.62
CA GLU A 232 2.07 -19.17 -8.51
C GLU A 232 1.44 -17.85 -8.97
N THR A 233 0.22 -17.58 -8.53
CA THR A 233 -0.50 -16.33 -8.76
C THR A 233 -0.29 -15.41 -7.56
N VAL A 234 0.18 -14.18 -7.82
CA VAL A 234 0.48 -13.20 -6.79
C VAL A 234 -0.58 -12.10 -6.96
N LEU A 235 -1.06 -11.59 -5.83
CA LEU A 235 -1.90 -10.39 -5.78
C LEU A 235 -1.01 -9.25 -5.27
N LEU A 236 -0.92 -8.22 -6.10
CA LEU A 236 -0.18 -7.00 -5.75
C LEU A 236 -1.16 -5.89 -5.47
N ILE A 237 -1.23 -5.51 -4.21
CA ILE A 237 -2.08 -4.47 -3.69
C ILE A 237 -1.20 -3.20 -3.71
N HIS A 238 -1.65 -2.12 -4.33
CA HIS A 238 -0.83 -0.89 -4.54
C HIS A 238 -1.67 0.30 -4.06
N SER A 239 -1.25 0.92 -2.96
CA SER A 239 -1.95 2.10 -2.43
C SER A 239 -1.10 3.35 -2.66
N GLN A 240 -1.78 4.46 -2.96
CA GLN A 240 -1.14 5.80 -3.06
C GLN A 240 -2.25 6.74 -2.56
N ALA A 241 -2.07 7.23 -1.34
CA ALA A 241 -3.09 8.05 -0.67
C ALA A 241 -3.14 9.52 -1.11
N ASN A 242 -2.12 9.99 -1.80
CA ASN A 242 -1.94 11.38 -2.13
C ASN A 242 -1.69 11.73 -3.64
N ARG A 243 -1.17 10.80 -4.43
N ARG A 243 -1.12 10.83 -4.43
CA ARG A 243 -0.65 11.17 -5.76
CA ARG A 243 -0.63 11.19 -5.77
C ARG A 243 -0.70 10.02 -6.72
C ARG A 243 -0.90 10.03 -6.69
N ASP A 244 -1.06 10.29 -7.97
CA ASP A 244 -1.17 9.20 -8.95
C ASP A 244 0.13 8.42 -9.15
N THR A 245 -0.01 7.14 -9.48
CA THR A 245 1.09 6.30 -9.87
C THR A 245 0.65 5.31 -10.93
N ARG A 246 1.66 4.68 -11.55
CA ARG A 246 1.41 3.81 -12.76
C ARG A 246 2.20 2.53 -12.69
N PRO A 247 1.68 1.56 -11.91
CA PRO A 247 2.41 0.32 -11.76
C PRO A 247 2.59 -0.54 -12.97
N HIS A 248 3.76 -1.17 -13.01
CA HIS A 248 4.21 -2.00 -14.14
C HIS A 248 5.12 -3.11 -13.59
N LEU A 249 4.86 -4.32 -14.02
CA LEU A 249 5.81 -5.43 -13.81
C LEU A 249 6.71 -5.67 -15.02
N ILE A 250 8.00 -5.39 -14.94
CA ILE A 250 8.90 -5.54 -16.13
C ILE A 250 9.15 -7.03 -16.40
N GLY A 251 8.78 -7.46 -17.60
CA GLY A 251 8.82 -8.88 -17.96
C GLY A 251 7.55 -9.58 -17.67
N GLY A 252 6.58 -8.91 -17.02
CA GLY A 252 5.32 -9.46 -16.78
C GLY A 252 4.21 -8.56 -17.24
N HIS A 253 3.04 -8.79 -16.64
CA HIS A 253 1.78 -8.17 -17.03
C HIS A 253 0.93 -8.12 -15.81
N GLY A 254 -0.13 -7.33 -15.90
CA GLY A 254 -1.28 -7.44 -15.04
C GLY A 254 -2.26 -8.40 -15.73
N ASP A 255 -2.29 -9.66 -15.28
CA ASP A 255 -3.22 -10.62 -15.88
C ASP A 255 -4.69 -10.23 -15.74
N TRP A 256 -5.07 -9.86 -14.53
CA TRP A 256 -6.36 -9.31 -14.17
C TRP A 256 -6.15 -8.14 -13.21
N VAL A 257 -6.66 -6.97 -13.55
CA VAL A 257 -6.39 -5.73 -12.83
C VAL A 257 -7.66 -4.97 -12.59
N TRP A 258 -7.83 -4.59 -11.33
CA TRP A 258 -8.83 -3.67 -10.88
C TRP A 258 -8.09 -2.37 -10.52
N GLU A 259 -7.88 -1.50 -11.49
CA GLU A 259 -6.98 -0.36 -11.22
C GLU A 259 -7.68 0.66 -10.29
N THR A 260 -9.02 0.78 -10.35
CA THR A 260 -9.82 1.59 -9.35
C THR A 260 -10.08 0.86 -8.04
N GLY A 261 -9.76 -0.44 -8.03
CA GLY A 261 -9.65 -1.29 -6.87
C GLY A 261 -10.97 -1.84 -6.30
N LYS A 262 -11.99 -1.99 -7.13
CA LYS A 262 -13.33 -2.27 -6.60
C LYS A 262 -13.90 -3.55 -7.22
N PHE A 263 -13.96 -4.63 -6.44
CA PHE A 263 -14.12 -5.94 -7.03
C PHE A 263 -15.47 -6.29 -7.60
N ALA A 264 -16.50 -5.49 -7.37
CA ALA A 264 -17.78 -5.71 -8.03
C ALA A 264 -17.77 -5.25 -9.50
N ASN A 265 -16.67 -4.60 -9.96
CA ASN A 265 -16.48 -4.26 -11.34
C ASN A 265 -15.61 -5.29 -12.04
N PRO A 266 -15.89 -5.57 -13.33
CA PRO A 266 -14.99 -6.54 -14.00
C PRO A 266 -13.54 -6.02 -14.12
N PRO A 267 -12.57 -6.92 -14.00
CA PRO A 267 -11.19 -6.52 -14.20
C PRO A 267 -10.83 -6.43 -15.66
N GLN A 268 -9.76 -5.72 -15.95
CA GLN A 268 -9.16 -5.68 -17.26
C GLN A 268 -8.04 -6.69 -17.32
N ARG A 269 -7.82 -7.26 -18.50
CA ARG A 269 -6.78 -8.21 -18.68
C ARG A 269 -5.65 -7.73 -19.53
N ASP A 270 -4.50 -8.34 -19.31
CA ASP A 270 -3.32 -8.18 -20.16
C ASP A 270 -2.63 -6.84 -20.06
N LEU A 271 -2.80 -6.12 -18.94
CA LEU A 271 -2.30 -4.73 -18.87
C LEU A 271 -0.71 -4.76 -18.85
N GLU A 272 -0.07 -3.80 -19.51
CA GLU A 272 1.34 -3.56 -19.36
C GLU A 272 1.56 -2.64 -18.15
N THR A 273 0.75 -1.59 -18.07
CA THR A 273 0.83 -0.57 -17.01
C THR A 273 -0.60 -0.19 -16.58
N TRP A 274 -0.84 -0.09 -15.29
CA TRP A 274 -2.18 0.32 -14.80
C TRP A 274 -2.01 1.64 -14.05
N PHE A 275 -3.12 2.19 -13.61
CA PHE A 275 -3.15 3.51 -12.98
C PHE A 275 -3.84 3.46 -11.65
N ILE A 276 -3.13 3.91 -10.62
CA ILE A 276 -3.70 4.10 -9.30
C ILE A 276 -3.84 5.61 -9.09
N ARG A 277 -5.07 6.03 -9.00
CA ARG A 277 -5.40 7.44 -8.71
C ARG A 277 -4.94 7.77 -7.28
N GLY A 278 -4.33 8.94 -7.08
CA GLY A 278 -4.06 9.38 -5.74
C GLY A 278 -5.33 9.43 -4.91
N GLY A 279 -5.19 8.91 -3.68
CA GLY A 279 -6.36 8.66 -2.85
C GLY A 279 -7.06 7.32 -3.09
N SER A 280 -6.35 6.31 -3.58
CA SER A 280 -6.99 4.98 -3.82
C SER A 280 -5.95 3.87 -3.66
N ALA A 281 -6.49 2.64 -3.58
CA ALA A 281 -5.73 1.41 -3.71
C ALA A 281 -6.31 0.61 -4.86
N GLY A 282 -5.42 0.00 -5.66
CA GLY A 282 -5.79 -0.94 -6.73
C GLY A 282 -5.13 -2.29 -6.49
N ALA A 283 -5.50 -3.26 -7.33
CA ALA A 283 -5.10 -4.70 -7.12
C ALA A 283 -4.88 -5.37 -8.44
N ALA A 284 -3.75 -6.06 -8.61
CA ALA A 284 -3.44 -6.81 -9.80
C ALA A 284 -3.15 -8.24 -9.43
N LEU A 285 -3.62 -9.15 -10.28
CA LEU A 285 -3.17 -10.55 -10.25
C LEU A 285 -2.17 -10.82 -11.37
N TYR A 286 -1.14 -11.60 -11.08
CA TYR A 286 -0.26 -12.13 -12.14
C TYR A 286 0.23 -13.53 -11.75
N THR A 287 0.15 -14.44 -12.69
CA THR A 287 0.63 -15.84 -12.46
C THR A 287 2.00 -15.90 -13.13
N PHE A 288 3.07 -16.19 -12.39
CA PHE A 288 4.41 -16.24 -13.03
C PHE A 288 4.57 -17.42 -14.04
N LYS A 289 5.24 -17.13 -15.13
CA LYS A 289 5.48 -18.11 -16.18
C LYS A 289 6.98 -18.30 -16.48
N GLN A 290 7.82 -17.35 -16.05
CA GLN A 290 9.29 -17.39 -16.22
C GLN A 290 9.97 -17.09 -14.91
N PRO A 291 11.13 -17.72 -14.67
CA PRO A 291 11.89 -17.45 -13.47
C PRO A 291 12.75 -16.23 -13.70
N GLY A 292 13.32 -15.68 -12.63
CA GLY A 292 14.16 -14.49 -12.77
C GLY A 292 13.75 -13.37 -11.83
N VAL A 293 14.47 -12.27 -11.98
CA VAL A 293 14.28 -11.12 -11.15
C VAL A 293 13.53 -10.11 -12.02
N TYR A 294 12.33 -9.79 -11.53
CA TYR A 294 11.45 -8.89 -12.20
C TYR A 294 11.61 -7.58 -11.44
N ALA A 295 11.24 -6.49 -12.08
CA ALA A 295 11.12 -5.17 -11.40
C ALA A 295 9.65 -4.78 -11.39
N TYR A 296 9.17 -4.33 -10.25
CA TYR A 296 7.79 -3.83 -10.10
C TYR A 296 7.99 -2.34 -9.77
N LEU A 297 7.51 -1.48 -10.63
CA LEU A 297 7.80 -0.08 -10.48
C LEU A 297 6.74 0.85 -11.05
N ASN A 298 6.82 2.10 -10.61
CA ASN A 298 6.09 3.23 -11.18
C ASN A 298 6.66 3.56 -12.53
N HIS A 299 5.85 3.48 -13.59
CA HIS A 299 6.43 3.65 -14.95
C HIS A 299 6.48 5.07 -15.46
N ASN A 300 6.50 6.03 -14.54
CA ASN A 300 7.26 7.23 -14.84
C ASN A 300 8.68 6.86 -14.44
N LEU A 301 9.56 6.68 -15.41
CA LEU A 301 10.83 6.06 -15.11
C LEU A 301 11.76 6.97 -14.36
N ILE A 302 11.53 8.28 -14.44
CA ILE A 302 12.22 9.20 -13.51
C ILE A 302 11.77 8.91 -12.06
N GLU A 303 10.44 8.86 -11.83
CA GLU A 303 9.94 8.60 -10.46
C GLU A 303 10.46 7.30 -9.91
N ALA A 304 10.58 6.29 -10.80
CA ALA A 304 11.12 4.99 -10.39
C ALA A 304 12.61 4.98 -10.09
N PHE A 305 13.39 5.26 -11.09
CA PHE A 305 14.87 5.07 -11.00
C PHE A 305 15.60 6.21 -10.30
N GLU A 306 15.15 7.43 -10.52
CA GLU A 306 15.76 8.62 -9.85
C GLU A 306 15.19 8.83 -8.49
N LEU A 307 13.87 8.72 -8.30
CA LEU A 307 13.26 9.16 -7.04
C LEU A 307 12.91 8.09 -6.03
N GLY A 308 12.92 6.81 -6.46
CA GLY A 308 12.80 5.64 -5.61
C GLY A 308 11.66 4.66 -5.74
N ALA A 309 10.75 4.86 -6.71
CA ALA A 309 9.52 4.13 -6.77
C ALA A 309 9.67 2.80 -7.59
N ALA A 310 10.40 1.87 -7.01
CA ALA A 310 10.76 0.61 -7.69
C ALA A 310 11.21 -0.44 -6.74
N GLY A 311 10.75 -1.64 -6.99
CA GLY A 311 11.11 -2.81 -6.20
C GLY A 311 11.34 -4.03 -7.11
N HIS A 312 11.76 -5.11 -6.48
CA HIS A 312 12.05 -6.39 -7.17
C HIS A 312 11.18 -7.57 -6.65
N ILE A 313 10.94 -8.50 -7.57
CA ILE A 313 10.34 -9.80 -7.24
C ILE A 313 11.24 -10.91 -7.80
N LYS A 314 11.69 -11.82 -6.93
CA LYS A 314 12.64 -12.88 -7.33
C LYS A 314 11.84 -14.14 -7.49
N VAL A 315 11.84 -14.70 -8.69
CA VAL A 315 10.94 -15.79 -9.04
C VAL A 315 11.74 -17.08 -9.34
N GLU A 316 11.41 -18.15 -8.62
CA GLU A 316 12.01 -19.50 -8.80
C GLU A 316 11.29 -20.32 -9.87
N GLY A 317 12.03 -21.19 -10.55
CA GLY A 317 11.46 -22.18 -11.48
C GLY A 317 12.21 -22.39 -12.80
N LYS A 318 11.52 -23.06 -13.72
CA LYS A 318 12.08 -23.49 -15.00
C LYS A 318 11.85 -22.49 -16.11
N TRP A 319 12.92 -22.10 -16.81
CA TRP A 319 12.82 -21.28 -18.02
C TRP A 319 12.00 -21.94 -19.13
N ASN A 320 11.29 -21.10 -19.91
CA ASN A 320 10.35 -21.53 -20.95
C ASN A 320 10.79 -20.87 -22.27
N ASP A 321 11.41 -21.67 -23.15
CA ASP A 321 11.89 -21.20 -24.45
C ASP A 321 10.76 -20.91 -25.41
N ASP A 322 9.56 -21.41 -25.14
CA ASP A 322 8.44 -21.10 -25.98
C ASP A 322 8.08 -19.63 -25.77
N LEU A 323 8.05 -19.19 -24.52
CA LEU A 323 7.63 -17.78 -24.25
C LEU A 323 8.71 -16.81 -24.64
N MET A 324 9.96 -17.16 -24.34
CA MET A 324 11.10 -16.35 -24.78
C MET A 324 12.41 -17.10 -24.95
N LYS A 325 13.10 -16.81 -26.04
CA LYS A 325 14.39 -17.39 -26.39
C LYS A 325 15.36 -16.42 -27.04
N GLN A 326 16.60 -16.45 -26.55
CA GLN A 326 17.73 -15.76 -27.15
C GLN A 326 18.14 -16.57 -28.39
N ILE A 327 17.83 -16.06 -29.58
CA ILE A 327 18.10 -16.81 -30.80
C ILE A 327 19.59 -16.71 -31.15
N LYS A 328 20.13 -15.50 -31.07
CA LYS A 328 21.57 -15.25 -31.17
C LYS A 328 22.02 -14.35 -30.03
N ALA A 329 22.96 -14.82 -29.22
CA ALA A 329 23.56 -13.95 -28.20
C ALA A 329 24.25 -12.73 -28.81
N PRO A 330 24.45 -11.67 -28.00
CA PRO A 330 25.18 -10.52 -28.55
C PRO A 330 26.53 -10.95 -29.16
N ALA A 331 26.86 -10.39 -30.30
CA ALA A 331 28.03 -10.82 -31.10
C ALA A 331 28.36 -9.73 -32.08
N PRO A 332 29.61 -9.70 -32.63
CA PRO A 332 29.98 -8.66 -33.62
C PRO A 332 29.09 -8.66 -34.82
N ILE A 333 28.81 -7.47 -35.35
CA ILE A 333 28.01 -7.31 -36.56
C ILE A 333 28.82 -7.88 -37.77
N PRO A 334 28.24 -8.80 -38.56
CA PRO A 334 28.94 -9.51 -39.67
C PRO A 334 29.75 -8.68 -40.70
N ARG A 335 30.91 -9.21 -41.11
CA ARG A 335 31.81 -8.61 -42.12
C ARG A 335 31.17 -8.54 -43.49
CU CU B . -2.12 11.60 12.04
CU CU C . -9.07 10.10 1.87
ZN ZN D . 14.72 22.45 18.16
O1 MES E . 20.45 5.98 -9.28
C2 MES E . 19.73 7.22 -9.41
C3 MES E . 19.32 7.82 -8.06
N4 MES E . 20.01 7.15 -6.92
C5 MES E . 21.44 6.94 -7.24
C6 MES E . 21.67 6.24 -8.59
C7 MES E . 19.78 7.90 -5.66
C8 MES E . 20.34 7.21 -4.40
S MES E . 19.76 7.78 -2.90
O1S MES E . 19.00 6.65 -2.29
O2S MES E . 19.01 9.06 -3.10
O3S MES E . 20.95 8.11 -2.06
O1 MES F . -6.99 -17.01 -10.93
C2 MES F . -5.72 -16.57 -11.36
C3 MES F . -5.13 -17.33 -12.55
N4 MES F . -5.38 -18.75 -12.29
C5 MES F . -6.81 -19.01 -12.48
C6 MES F . -7.68 -17.92 -11.86
C7 MES F . -4.47 -19.69 -13.02
C8 MES F . -4.32 -19.41 -14.51
S MES F . -3.10 -20.34 -15.19
O1S MES F . -2.46 -21.25 -14.19
O2S MES F . -3.67 -21.07 -16.38
O3S MES F . -2.06 -19.39 -15.70
O1 PG4 G . 20.41 -5.69 -9.81
C1 PG4 G . 19.05 -5.74 -9.37
C2 PG4 G . 18.16 -6.42 -10.42
O2 PG4 G . 17.61 -5.42 -11.29
C3 PG4 G . 16.37 -5.73 -11.92
C4 PG4 G . 15.85 -4.49 -12.64
O3 PG4 G . 15.29 -3.63 -11.63
C5 PG4 G . 14.96 -2.32 -12.10
C6 PG4 G . 14.46 -1.49 -10.93
O4 PG4 G . 15.45 -1.44 -9.90
C7 PG4 G . 15.11 -0.50 -8.88
C8 PG4 G . 16.31 0.33 -8.48
O5 PG4 G . 17.27 -0.58 -7.96
#